data_3OCL
#
_entry.id   3OCL
#
_cell.length_a   69.475
_cell.length_b   83.435
_cell.length_c   89.845
_cell.angle_alpha   90.00
_cell.angle_beta   90.00
_cell.angle_gamma   90.00
#
_symmetry.space_group_name_H-M   'P 21 21 21'
#
loop_
_entity.id
_entity.type
_entity.pdbx_description
1 polymer 'Penicillin-binding protein 3'
2 non-polymer 'CHLORIDE ION'
3 non-polymer '(2R,4S)-2-[(1R)-1-{[(2S)-2-carboxy-2-phenylacetyl]amino}-2-oxoethyl]-5,5-dimethyl-1,3-thiazolidine-4-carboxylic acid'
4 non-polymer GLYCEROL
5 water water
#
_entity_poly.entity_id   1
_entity_poly.type   'polypeptide(L)'
_entity_poly.pdbx_seq_one_letter_code
;MAHHHHHHSSGLEVLFQGPDLHVIDHDFLKGQGDARSVRHIAIPAHRGLITDRNGEPLAVSTPVTTLWANPKELMTAKER
WPQLAAALGQDTKLFADRIEQNAEREFIYLVRGLTPEQGEGVIALKVPGVYSIEEFRRFYPAGEVVAHAVGFTDVDDRGR
EGIELAFDEWLAGVPGKRQVLKDRRGRVIKDVQVTKNAKPGKTLALSIDLRLQYLAHRELRNALLENGAKAGSLVIMDVK
TGEILAMTNQPTYNPNNRRNLQPAAMRNRAMIDVFEPGSTVKPFSMSAALASGRWKPSDIVDVYPGTLQIGRYTIRDVSR
NSRQLDLTGILIKSSNVGISKIAFDIGAESIYSVMQQVGLGQDTGLGFPGERVGNLPNHRKWPKAETATLAYGYGLSVTA
IQLAHAYAALANDGKSVPLSMTRVDRVPDGVQVISPEVASTVQGMLQQVVEAQGGVFRAQVPGYHAAGKSGTARKVSVGT
KGYRENAYRSLFAGFAPATDPRIAMVVVIDEPSKAGYFGGLVSAPVFSKVMAGALRLMNVPPDNLPTATEQQQVNAAPAK
GGRG
;
_entity_poly.pdbx_strand_id   A
#
# COMPACT_ATOMS: atom_id res chain seq x y z
N VAL A 38 -24.36 -38.64 -19.46
CA VAL A 38 -24.67 -37.66 -18.39
C VAL A 38 -23.40 -37.13 -17.73
N ARG A 39 -23.14 -35.84 -17.91
CA ARG A 39 -21.98 -35.17 -17.34
C ARG A 39 -22.39 -33.82 -16.75
N HIS A 40 -21.42 -33.12 -16.17
CA HIS A 40 -21.66 -31.82 -15.54
C HIS A 40 -20.73 -30.73 -16.08
N ILE A 41 -21.29 -29.56 -16.37
CA ILE A 41 -20.50 -28.39 -16.76
C ILE A 41 -20.62 -27.32 -15.66
N ALA A 42 -19.56 -26.55 -15.48
CA ALA A 42 -19.54 -25.53 -14.43
C ALA A 42 -20.41 -24.33 -14.79
N ILE A 43 -21.05 -23.76 -13.77
CA ILE A 43 -21.83 -22.53 -13.91
C ILE A 43 -21.09 -21.42 -13.16
N PRO A 44 -20.37 -20.56 -13.89
CA PRO A 44 -19.56 -19.50 -13.27
C PRO A 44 -20.34 -18.63 -12.29
N ALA A 45 -19.73 -18.35 -11.13
CA ALA A 45 -20.31 -17.43 -10.15
C ALA A 45 -19.83 -16.01 -10.40
N HIS A 46 -20.70 -15.04 -10.11
CA HIS A 46 -20.37 -13.64 -10.24
C HIS A 46 -19.54 -13.22 -9.03
N ARG A 47 -18.33 -12.75 -9.27
CA ARG A 47 -17.41 -12.37 -8.20
C ARG A 47 -17.86 -11.03 -7.62
N GLY A 48 -17.73 -10.90 -6.30
CA GLY A 48 -18.17 -9.72 -5.57
C GLY A 48 -17.47 -8.45 -5.99
N LEU A 49 -18.20 -7.35 -5.92
CA LEU A 49 -17.71 -6.03 -6.26
C LEU A 49 -16.84 -5.49 -5.13
N ILE A 50 -15.70 -4.90 -5.50
CA ILE A 50 -14.90 -4.12 -4.56
C ILE A 50 -15.22 -2.65 -4.77
N THR A 51 -15.47 -1.94 -3.67
CA THR A 51 -15.64 -0.50 -3.71
C THR A 51 -14.68 0.17 -2.75
N ASP A 52 -14.54 1.48 -2.86
CA ASP A 52 -13.84 2.24 -1.85
C ASP A 52 -14.81 2.47 -0.68
N ARG A 53 -14.39 3.28 0.29
CA ARG A 53 -15.17 3.47 1.51
C ARG A 53 -16.51 4.18 1.28
N ASN A 54 -16.63 4.94 0.20
CA ASN A 54 -17.86 5.67 -0.11
C ASN A 54 -18.74 4.98 -1.15
N GLY A 55 -18.29 3.83 -1.66
CA GLY A 55 -19.07 3.06 -2.62
C GLY A 55 -18.64 3.15 -4.07
N GLU A 56 -17.56 3.87 -4.36
CA GLU A 56 -17.02 3.98 -5.71
C GLU A 56 -16.43 2.63 -6.15
N PRO A 57 -16.87 2.10 -7.31
CA PRO A 57 -16.37 0.80 -7.79
C PRO A 57 -14.85 0.78 -8.03
N LEU A 58 -14.18 -0.24 -7.51
CA LEU A 58 -12.74 -0.43 -7.72
C LEU A 58 -12.39 -1.71 -8.49
N ALA A 59 -13.23 -2.73 -8.37
CA ALA A 59 -13.08 -3.97 -9.14
C ALA A 59 -14.46 -4.52 -9.46
N VAL A 60 -14.74 -4.70 -10.75
CA VAL A 60 -16.04 -5.20 -11.20
C VAL A 60 -15.87 -6.36 -12.16
N SER A 61 -16.71 -7.39 -11.98
CA SER A 61 -16.71 -8.54 -12.88
C SER A 61 -17.75 -8.33 -13.97
N THR A 62 -17.26 -8.21 -15.20
CA THR A 62 -18.08 -7.88 -16.37
C THR A 62 -18.31 -9.12 -17.23
N PRO A 63 -19.53 -9.29 -17.80
CA PRO A 63 -19.84 -10.46 -18.62
C PRO A 63 -18.92 -10.63 -19.82
N VAL A 64 -18.37 -11.83 -19.98
CA VAL A 64 -17.41 -12.10 -21.05
C VAL A 64 -17.73 -13.47 -21.64
N THR A 65 -17.57 -13.62 -22.96
CA THR A 65 -17.85 -14.88 -23.64
C THR A 65 -16.56 -15.59 -24.04
N THR A 66 -16.48 -16.89 -23.73
CA THR A 66 -15.37 -17.72 -24.15
C THR A 66 -15.89 -18.80 -25.08
N LEU A 67 -15.08 -19.12 -26.09
CA LEU A 67 -15.45 -20.09 -27.11
C LEU A 67 -14.58 -21.33 -26.98
N TRP A 68 -15.22 -22.49 -27.04
CA TRP A 68 -14.51 -23.75 -27.15
C TRP A 68 -15.07 -24.57 -28.30
N ALA A 69 -14.34 -25.64 -28.65
CA ALA A 69 -14.74 -26.50 -29.75
C ALA A 69 -14.57 -27.96 -29.39
N ASN A 70 -15.45 -28.79 -29.92
CA ASN A 70 -15.26 -30.24 -29.92
C ASN A 70 -14.63 -30.60 -31.27
N PRO A 71 -13.33 -30.93 -31.27
CA PRO A 71 -12.63 -31.24 -32.53
C PRO A 71 -13.31 -32.35 -33.34
N LYS A 72 -13.85 -33.35 -32.66
CA LYS A 72 -14.54 -34.44 -33.32
C LYS A 72 -15.75 -33.94 -34.15
N GLU A 73 -16.39 -32.87 -33.70
CA GLU A 73 -17.43 -32.22 -34.48
C GLU A 73 -16.86 -31.30 -35.56
N LEU A 74 -15.72 -30.68 -35.28
CA LEU A 74 -15.00 -29.86 -36.26
C LEU A 74 -14.46 -30.69 -37.42
N MET A 75 -14.08 -31.93 -37.13
CA MET A 75 -13.55 -32.85 -38.13
C MET A 75 -14.57 -33.27 -39.20
N THR A 76 -15.85 -32.96 -38.97
CA THR A 76 -16.91 -33.22 -39.94
C THR A 76 -17.26 -31.96 -40.78
N ALA A 77 -16.61 -30.83 -40.51
CA ALA A 77 -16.90 -29.58 -41.22
C ALA A 77 -15.63 -28.80 -41.57
N LYS A 78 -14.64 -29.50 -42.12
CA LYS A 78 -13.34 -28.90 -42.42
C LYS A 78 -13.44 -27.69 -43.34
N GLU A 79 -14.37 -27.70 -44.29
CA GLU A 79 -14.51 -26.56 -45.21
C GLU A 79 -14.84 -25.23 -44.51
N ARG A 80 -15.33 -25.30 -43.27
CA ARG A 80 -15.65 -24.12 -42.46
C ARG A 80 -14.43 -23.52 -41.73
N TRP A 81 -13.38 -24.32 -41.56
CA TRP A 81 -12.21 -23.96 -40.74
C TRP A 81 -11.54 -22.63 -41.11
N PRO A 82 -11.26 -22.41 -42.41
CA PRO A 82 -10.61 -21.16 -42.76
C PRO A 82 -11.35 -19.90 -42.32
N GLN A 83 -12.66 -19.85 -42.52
CA GLN A 83 -13.46 -18.70 -42.10
C GLN A 83 -13.42 -18.53 -40.57
N LEU A 84 -13.48 -19.66 -39.84
CA LEU A 84 -13.37 -19.63 -38.38
C LEU A 84 -11.98 -19.20 -37.92
N ALA A 85 -10.96 -19.66 -38.63
CA ALA A 85 -9.57 -19.25 -38.36
C ALA A 85 -9.39 -17.74 -38.55
N ALA A 86 -9.98 -17.21 -39.63
CA ALA A 86 -9.94 -15.77 -39.90
C ALA A 86 -10.63 -14.98 -38.80
N ALA A 87 -11.78 -15.47 -38.35
CA ALA A 87 -12.55 -14.83 -37.28
C ALA A 87 -11.84 -14.89 -35.92
N LEU A 88 -10.73 -15.61 -35.83
CA LEU A 88 -9.94 -15.67 -34.60
C LEU A 88 -8.55 -15.03 -34.78
N GLY A 89 -8.35 -14.32 -35.88
CA GLY A 89 -7.04 -13.75 -36.21
C GLY A 89 -5.92 -14.76 -36.20
N GLN A 90 -6.21 -15.99 -36.64
CA GLN A 90 -5.23 -17.06 -36.70
C GLN A 90 -4.95 -17.45 -38.14
N ASP A 91 -3.75 -17.98 -38.37
CA ASP A 91 -3.37 -18.50 -39.67
C ASP A 91 -4.15 -19.77 -39.96
N THR A 92 -4.68 -19.89 -41.18
CA THR A 92 -5.54 -21.01 -41.53
C THR A 92 -4.81 -22.34 -41.36
N LYS A 93 -3.60 -22.41 -41.88
CA LYS A 93 -2.82 -23.65 -41.82
C LYS A 93 -2.43 -24.04 -40.39
N LEU A 94 -1.98 -23.08 -39.59
CA LEU A 94 -1.66 -23.33 -38.19
C LEU A 94 -2.89 -23.74 -37.38
N PHE A 95 -4.02 -23.11 -37.68
CA PHE A 95 -5.29 -23.46 -37.05
C PHE A 95 -5.70 -24.88 -37.40
N ALA A 96 -5.62 -25.21 -38.69
CA ALA A 96 -5.96 -26.56 -39.18
C ALA A 96 -5.07 -27.61 -38.55
N ASP A 97 -3.77 -27.32 -38.44
CA ASP A 97 -2.83 -28.18 -37.74
C ASP A 97 -3.30 -28.49 -36.32
N ARG A 98 -3.73 -27.46 -35.59
CA ARG A 98 -4.11 -27.64 -34.19
C ARG A 98 -5.34 -28.54 -34.01
N ILE A 99 -6.33 -28.45 -34.89
CA ILE A 99 -7.51 -29.31 -34.79
C ILE A 99 -7.22 -30.74 -35.25
N GLU A 100 -6.30 -30.90 -36.20
CA GLU A 100 -5.90 -32.24 -36.63
C GLU A 100 -5.17 -32.97 -35.51
N GLN A 101 -4.28 -32.27 -34.82
CA GLN A 101 -3.48 -32.88 -33.74
C GLN A 101 -4.23 -33.00 -32.42
N ASN A 102 -5.41 -32.40 -32.33
CA ASN A 102 -6.33 -32.61 -31.20
C ASN A 102 -7.59 -33.35 -31.63
N ALA A 103 -7.50 -34.06 -32.76
CA ALA A 103 -8.65 -34.72 -33.38
C ALA A 103 -9.39 -35.68 -32.44
N GLU A 104 -8.63 -36.48 -31.68
CA GLU A 104 -9.22 -37.49 -30.81
C GLU A 104 -9.76 -36.95 -29.48
N ARG A 105 -9.59 -35.65 -29.23
CA ARG A 105 -10.11 -35.02 -28.01
C ARG A 105 -11.54 -34.56 -28.21
N GLU A 106 -12.26 -34.38 -27.11
CA GLU A 106 -13.65 -33.93 -27.15
C GLU A 106 -13.84 -32.48 -26.69
N PHE A 107 -12.76 -31.84 -26.25
CA PHE A 107 -12.82 -30.47 -25.75
C PHE A 107 -11.47 -29.76 -25.91
N ILE A 108 -11.50 -28.56 -26.46
CA ILE A 108 -10.36 -27.64 -26.42
C ILE A 108 -10.87 -26.20 -26.46
N TYR A 109 -10.11 -25.28 -25.89
CA TYR A 109 -10.46 -23.86 -25.95
C TYR A 109 -10.11 -23.27 -27.30
N LEU A 110 -10.96 -22.39 -27.82
CA LEU A 110 -10.63 -21.60 -29.01
C LEU A 110 -10.00 -20.30 -28.55
N VAL A 111 -10.75 -19.56 -27.74
CA VAL A 111 -10.28 -18.31 -27.16
C VAL A 111 -11.07 -18.02 -25.88
N ARG A 112 -10.43 -17.34 -24.94
CA ARG A 112 -11.06 -16.96 -23.67
C ARG A 112 -11.22 -15.45 -23.54
N GLY A 113 -12.38 -15.05 -23.02
CA GLY A 113 -12.61 -13.67 -22.59
C GLY A 113 -12.83 -12.66 -23.70
N LEU A 114 -13.65 -13.02 -24.69
CA LEU A 114 -14.10 -12.06 -25.70
C LEU A 114 -15.31 -11.30 -25.16
N THR A 115 -15.64 -10.17 -25.80
CA THR A 115 -16.84 -9.42 -25.42
C THR A 115 -18.06 -10.17 -25.95
N PRO A 116 -19.23 -10.00 -25.28
CA PRO A 116 -20.43 -10.72 -25.70
C PRO A 116 -20.82 -10.52 -27.18
N GLU A 117 -20.61 -9.33 -27.70
CA GLU A 117 -20.94 -9.01 -29.10
C GLU A 117 -19.93 -9.62 -30.07
N GLN A 118 -18.66 -9.68 -29.68
CA GLN A 118 -17.61 -10.29 -30.50
C GLN A 118 -17.74 -11.82 -30.55
N GLY A 119 -18.06 -12.42 -29.41
CA GLY A 119 -18.32 -13.86 -29.32
C GLY A 119 -19.55 -14.29 -30.10
N GLU A 120 -20.51 -13.38 -30.24
CA GLU A 120 -21.68 -13.62 -31.09
C GLU A 120 -21.30 -13.63 -32.58
N GLY A 121 -20.26 -12.89 -32.94
CA GLY A 121 -19.75 -12.87 -34.32
C GLY A 121 -19.30 -14.24 -34.79
N VAL A 122 -18.50 -14.91 -33.98
CA VAL A 122 -18.05 -16.27 -34.27
C VAL A 122 -19.22 -17.27 -34.17
N ILE A 123 -20.10 -17.08 -33.20
CA ILE A 123 -21.26 -17.97 -33.04
C ILE A 123 -22.23 -17.82 -34.22
N ALA A 124 -22.27 -16.64 -34.82
CA ALA A 124 -23.17 -16.33 -35.93
C ALA A 124 -22.82 -17.07 -37.22
N LEU A 125 -21.55 -17.45 -37.39
CA LEU A 125 -21.12 -18.16 -38.61
C LEU A 125 -21.34 -19.68 -38.51
N LYS A 126 -22.03 -20.12 -37.46
CA LYS A 126 -22.70 -21.43 -37.42
C LYS A 126 -21.80 -22.62 -37.74
N VAL A 127 -20.56 -22.60 -37.25
CA VAL A 127 -19.64 -23.71 -37.46
C VAL A 127 -19.98 -24.85 -36.50
N PRO A 128 -20.21 -26.07 -37.05
CA PRO A 128 -20.46 -27.24 -36.21
C PRO A 128 -19.35 -27.48 -35.19
N GLY A 129 -19.75 -27.80 -33.96
CA GLY A 129 -18.79 -28.13 -32.91
C GLY A 129 -18.12 -26.95 -32.22
N VAL A 130 -18.66 -25.76 -32.46
CA VAL A 130 -18.19 -24.54 -31.80
C VAL A 130 -19.25 -24.13 -30.77
N TYR A 131 -18.83 -23.99 -29.52
CA TYR A 131 -19.75 -23.67 -28.41
C TYR A 131 -19.35 -22.36 -27.72
N SER A 132 -20.19 -21.91 -26.78
CA SER A 132 -19.92 -20.70 -26.02
C SER A 132 -20.15 -20.88 -24.52
N ILE A 133 -19.35 -20.17 -23.73
CA ILE A 133 -19.42 -20.18 -22.27
C ILE A 133 -19.41 -18.74 -21.79
N GLU A 134 -20.45 -18.35 -21.05
CA GLU A 134 -20.55 -17.01 -20.48
C GLU A 134 -19.85 -16.96 -19.12
N GLU A 135 -18.63 -16.42 -19.12
CA GLU A 135 -17.82 -16.25 -17.92
C GLU A 135 -17.89 -14.79 -17.48
N PHE A 136 -17.13 -14.43 -16.44
CA PHE A 136 -16.98 -13.03 -16.03
C PHE A 136 -15.50 -12.63 -16.00
N ARG A 137 -15.24 -11.36 -16.31
CA ARG A 137 -13.88 -10.84 -16.29
C ARG A 137 -13.81 -9.52 -15.54
N ARG A 138 -12.78 -9.43 -14.70
CA ARG A 138 -12.58 -8.28 -13.84
C ARG A 138 -12.17 -7.06 -14.66
N PHE A 139 -12.74 -5.90 -14.29
CA PHE A 139 -12.29 -4.62 -14.80
C PHE A 139 -11.99 -3.70 -13.60
N TYR A 140 -10.93 -2.90 -13.71
CA TYR A 140 -10.51 -1.99 -12.62
C TYR A 140 -10.62 -0.53 -13.07
N PRO A 141 -11.75 0.14 -12.75
CA PRO A 141 -12.04 1.49 -13.29
C PRO A 141 -11.01 2.57 -12.93
N ALA A 142 -10.35 2.44 -11.78
CA ALA A 142 -9.31 3.40 -11.39
C ALA A 142 -7.92 2.98 -11.89
N GLY A 143 -7.85 1.81 -12.53
CA GLY A 143 -6.60 1.30 -13.11
C GLY A 143 -5.40 1.26 -12.17
N GLU A 144 -4.34 1.98 -12.55
CA GLU A 144 -3.08 1.96 -11.83
C GLU A 144 -3.08 2.77 -10.53
N VAL A 145 -4.13 3.56 -10.32
CA VAL A 145 -4.22 4.45 -9.17
C VAL A 145 -4.39 3.64 -7.88
N VAL A 146 -5.03 2.47 -7.97
CA VAL A 146 -5.20 1.60 -6.81
C VAL A 146 -4.77 0.13 -7.06
N ALA A 147 -3.93 -0.09 -8.06
CA ALA A 147 -3.56 -1.44 -8.46
C ALA A 147 -2.83 -2.21 -7.34
N HIS A 148 -1.96 -1.53 -6.60
CA HIS A 148 -1.18 -2.17 -5.56
C HIS A 148 -2.04 -2.61 -4.38
N ALA A 149 -3.04 -1.82 -4.02
CA ALA A 149 -3.98 -2.21 -2.96
C ALA A 149 -4.91 -3.33 -3.44
N VAL A 150 -5.50 -3.15 -4.61
CA VAL A 150 -6.55 -4.08 -5.07
C VAL A 150 -5.99 -5.41 -5.57
N GLY A 151 -4.90 -5.36 -6.32
CA GLY A 151 -4.34 -6.55 -6.94
C GLY A 151 -5.10 -6.90 -8.21
N PHE A 152 -5.12 -8.19 -8.55
CA PHE A 152 -5.75 -8.65 -9.79
C PHE A 152 -6.20 -10.11 -9.70
N THR A 153 -6.91 -10.56 -10.74
CA THR A 153 -7.40 -11.93 -10.81
C THR A 153 -6.76 -12.76 -11.95
N ASP A 154 -7.04 -14.06 -11.92
CA ASP A 154 -6.64 -15.06 -12.93
C ASP A 154 -7.35 -14.87 -14.28
N VAL A 155 -7.09 -15.77 -15.22
CA VAL A 155 -7.96 -15.94 -16.38
C VAL A 155 -9.28 -16.62 -15.93
N ASP A 156 -9.21 -17.33 -14.81
CA ASP A 156 -10.37 -17.94 -14.14
C ASP A 156 -11.09 -17.02 -13.16
N ASP A 157 -10.66 -15.77 -13.06
CA ASP A 157 -11.20 -14.81 -12.08
C ASP A 157 -10.99 -15.30 -10.64
N ARG A 158 -9.81 -15.87 -10.39
CA ARG A 158 -9.34 -16.14 -9.03
C ARG A 158 -8.34 -15.05 -8.67
N GLY A 159 -8.49 -14.48 -7.48
CA GLY A 159 -7.54 -13.48 -6.98
C GLY A 159 -6.17 -14.09 -6.80
N ARG A 160 -5.14 -13.40 -7.29
CA ARG A 160 -3.75 -13.88 -7.17
C ARG A 160 -2.80 -12.83 -6.58
N GLU A 161 -3.33 -11.67 -6.22
CA GLU A 161 -2.54 -10.58 -5.64
C GLU A 161 -3.40 -9.63 -4.80
N GLY A 162 -2.74 -8.94 -3.87
CA GLY A 162 -3.38 -7.97 -3.00
C GLY A 162 -4.70 -8.37 -2.37
N ILE A 163 -5.63 -7.42 -2.32
CA ILE A 163 -6.94 -7.63 -1.73
C ILE A 163 -7.70 -8.78 -2.44
N GLU A 164 -7.64 -8.79 -3.77
CA GLU A 164 -8.29 -9.86 -4.56
C GLU A 164 -7.88 -11.24 -4.04
N LEU A 165 -6.60 -11.41 -3.73
CA LEU A 165 -6.10 -12.65 -3.14
C LEU A 165 -6.51 -12.80 -1.67
N ALA A 166 -6.24 -11.76 -0.87
CA ALA A 166 -6.47 -11.85 0.58
C ALA A 166 -7.94 -12.13 0.93
N PHE A 167 -8.87 -11.52 0.21
CA PHE A 167 -10.31 -11.75 0.43
C PHE A 167 -10.94 -12.62 -0.66
N ASP A 168 -10.17 -13.56 -1.22
CA ASP A 168 -10.65 -14.35 -2.35
C ASP A 168 -11.88 -15.22 -2.05
N GLU A 169 -11.90 -15.87 -0.89
CA GLU A 169 -13.01 -16.78 -0.55
C GLU A 169 -14.32 -16.02 -0.35
N TRP A 170 -14.20 -14.81 0.17
CA TRP A 170 -15.33 -13.92 0.38
C TRP A 170 -15.88 -13.42 -0.96
N LEU A 171 -14.98 -12.97 -1.82
CA LEU A 171 -15.34 -12.34 -3.10
C LEU A 171 -15.74 -13.35 -4.19
N ALA A 172 -15.20 -14.57 -4.11
CA ALA A 172 -15.34 -15.56 -5.18
C ALA A 172 -16.77 -16.07 -5.37
N GLY A 173 -17.43 -16.44 -4.28
CA GLY A 173 -18.72 -17.13 -4.35
C GLY A 173 -18.48 -18.58 -4.72
N VAL A 174 -19.53 -19.29 -5.12
CA VAL A 174 -19.41 -20.72 -5.45
C VAL A 174 -20.02 -21.05 -6.82
N PRO A 175 -19.22 -21.64 -7.73
CA PRO A 175 -19.77 -22.02 -9.04
C PRO A 175 -20.81 -23.14 -8.96
N GLY A 176 -21.70 -23.17 -9.94
CA GLY A 176 -22.79 -24.16 -9.98
C GLY A 176 -22.45 -25.33 -10.88
N LYS A 177 -23.38 -26.28 -10.96
CA LYS A 177 -23.21 -27.47 -11.80
C LYS A 177 -24.42 -27.68 -12.68
N ARG A 178 -24.16 -27.84 -13.97
CA ARG A 178 -25.20 -28.03 -14.97
C ARG A 178 -25.20 -29.47 -15.44
N GLN A 179 -26.34 -30.16 -15.29
CA GLN A 179 -26.49 -31.51 -15.82
C GLN A 179 -26.64 -31.45 -17.34
N VAL A 180 -25.76 -32.15 -18.04
CA VAL A 180 -25.74 -32.11 -19.51
C VAL A 180 -25.61 -33.50 -20.13
N LEU A 181 -26.38 -33.73 -21.19
CA LEU A 181 -26.33 -34.99 -21.94
C LEU A 181 -25.52 -34.81 -23.22
N LYS A 182 -24.55 -35.69 -23.43
CA LYS A 182 -23.70 -35.66 -24.62
C LYS A 182 -23.81 -36.99 -25.35
N ASP A 183 -23.77 -36.96 -26.68
CA ASP A 183 -23.67 -38.19 -27.47
C ASP A 183 -22.22 -38.68 -27.40
N ARG A 184 -21.91 -39.76 -28.11
CA ARG A 184 -20.57 -40.36 -28.01
C ARG A 184 -19.50 -39.65 -28.84
N ARG A 185 -19.79 -38.42 -29.29
CA ARG A 185 -18.83 -37.60 -30.07
C ARG A 185 -17.78 -36.77 -29.28
N GLY A 186 -18.13 -36.01 -28.23
CA GLY A 186 -19.47 -35.89 -27.68
C GLY A 186 -20.08 -34.52 -27.85
N ARG A 187 -21.00 -34.42 -28.81
CA ARG A 187 -21.84 -33.25 -28.97
C ARG A 187 -22.79 -33.19 -27.78
N VAL A 188 -22.89 -32.03 -27.14
CA VAL A 188 -23.86 -31.84 -26.07
C VAL A 188 -25.24 -31.61 -26.70
N ILE A 189 -26.22 -32.41 -26.29
CA ILE A 189 -27.52 -32.47 -26.96
C ILE A 189 -28.66 -31.97 -26.07
N ASP A 191 -28.60 -30.50 -22.68
CA ASP A 191 -28.77 -29.58 -21.55
C ASP A 191 -30.02 -29.94 -20.74
N VAL A 192 -29.81 -30.57 -19.59
CA VAL A 192 -30.90 -31.19 -18.82
C VAL A 192 -31.50 -30.26 -17.77
N GLN A 193 -30.72 -29.89 -16.75
CA GLN A 193 -31.18 -29.00 -15.67
C GLN A 193 -30.01 -28.57 -14.78
N VAL A 194 -30.22 -27.50 -14.01
CA VAL A 194 -29.26 -27.07 -13.01
C VAL A 194 -29.25 -28.05 -11.83
N THR A 195 -28.12 -28.73 -11.63
CA THR A 195 -27.97 -29.64 -10.51
C THR A 195 -27.76 -28.84 -9.22
N LYS A 196 -26.79 -27.92 -9.26
CA LYS A 196 -26.50 -27.03 -8.13
C LYS A 196 -26.33 -25.60 -8.62
N ASN A 197 -27.07 -24.67 -8.01
CA ASN A 197 -27.03 -23.26 -8.39
C ASN A 197 -25.67 -22.61 -8.15
N ALA A 198 -25.45 -21.47 -8.80
CA ALA A 198 -24.29 -20.62 -8.51
C ALA A 198 -24.71 -19.60 -7.47
N LYS A 199 -23.85 -19.38 -6.48
CA LYS A 199 -24.04 -18.29 -5.52
C LYS A 199 -22.97 -17.24 -5.77
N PRO A 200 -23.39 -15.98 -6.00
CA PRO A 200 -22.43 -14.90 -6.25
C PRO A 200 -21.50 -14.65 -5.07
N GLY A 201 -20.42 -13.92 -5.32
CA GLY A 201 -19.50 -13.51 -4.26
C GLY A 201 -20.07 -12.34 -3.50
N LYS A 202 -19.51 -12.08 -2.32
CA LYS A 202 -19.97 -10.99 -1.47
C LYS A 202 -19.25 -9.69 -1.79
N THR A 203 -19.93 -8.57 -1.61
CA THR A 203 -19.36 -7.24 -1.83
C THR A 203 -18.34 -6.89 -0.74
N LEU A 204 -17.38 -6.04 -1.10
CA LEU A 204 -16.35 -5.59 -0.15
C LEU A 204 -16.01 -4.10 -0.31
N ALA A 205 -16.16 -3.35 0.77
CA ALA A 205 -15.85 -1.93 0.78
C ALA A 205 -14.53 -1.75 1.49
N LEU A 206 -13.55 -1.17 0.79
CA LEU A 206 -12.23 -0.93 1.37
C LEU A 206 -12.25 0.29 2.29
N SER A 207 -11.22 0.42 3.10
CA SER A 207 -11.02 1.64 3.89
C SER A 207 -10.59 2.82 3.02
N ILE A 208 -9.99 2.53 1.86
CA ILE A 208 -9.46 3.57 0.96
C ILE A 208 -10.58 4.58 0.60
N ASP A 209 -10.22 5.86 0.57
CA ASP A 209 -11.09 6.92 0.04
C ASP A 209 -10.53 7.31 -1.31
N LEU A 210 -11.25 7.00 -2.38
CA LEU A 210 -10.73 7.12 -3.74
C LEU A 210 -10.27 8.55 -4.06
N ARG A 211 -10.99 9.52 -3.52
CA ARG A 211 -10.62 10.93 -3.64
C ARG A 211 -9.26 11.21 -2.99
N LEU A 212 -9.03 10.70 -1.78
CA LEU A 212 -7.71 10.87 -1.15
C LEU A 212 -6.64 10.14 -1.97
N GLN A 213 -6.96 8.89 -2.37
CA GLN A 213 -6.06 8.05 -3.17
C GLN A 213 -5.56 8.73 -4.45
N TYR A 214 -6.48 9.40 -5.16
CA TYR A 214 -6.13 10.08 -6.40
C TYR A 214 -5.17 11.23 -6.13
N LEU A 215 -5.52 12.06 -5.14
CA LEU A 215 -4.68 13.16 -4.69
C LEU A 215 -3.25 12.68 -4.35
N ALA A 216 -3.16 11.69 -3.48
CA ALA A 216 -1.87 11.13 -3.07
C ALA A 216 -1.07 10.61 -4.25
N HIS A 217 -1.74 9.85 -5.11
CA HIS A 217 -1.13 9.29 -6.31
C HIS A 217 -0.51 10.37 -7.19
N ARG A 218 -1.33 11.36 -7.54
CA ARG A 218 -0.92 12.45 -8.40
C ARG A 218 0.26 13.22 -7.81
N GLU A 219 0.19 13.51 -6.51
CA GLU A 219 1.24 14.28 -5.86
C GLU A 219 2.55 13.49 -5.67
N LEU A 220 2.44 12.20 -5.32
CA LEU A 220 3.63 11.35 -5.24
C LEU A 220 4.32 11.24 -6.61
N ARG A 221 3.50 11.05 -7.65
CA ARG A 221 3.98 10.94 -9.02
C ARG A 221 4.72 12.23 -9.45
N ASN A 222 4.10 13.38 -9.24
CA ASN A 222 4.75 14.67 -9.50
C ASN A 222 6.07 14.81 -8.76
N ALA A 223 6.06 14.47 -7.47
CA ALA A 223 7.27 14.54 -6.64
C ALA A 223 8.40 13.67 -7.21
N LEU A 224 8.05 12.49 -7.71
CA LEU A 224 9.02 11.55 -8.26
C LEU A 224 9.70 12.11 -9.51
N LEU A 225 8.90 12.63 -10.43
CA LEU A 225 9.40 13.14 -11.71
C LEU A 225 10.25 14.40 -11.52
N GLU A 226 9.75 15.32 -10.70
CA GLU A 226 10.48 16.55 -10.37
C GLU A 226 11.88 16.29 -9.78
N ASN A 227 12.00 15.22 -8.99
CA ASN A 227 13.26 14.90 -8.30
C ASN A 227 14.11 13.80 -8.93
N GLY A 228 13.68 13.24 -10.05
CA GLY A 228 14.41 12.14 -10.69
C GLY A 228 14.53 10.92 -9.79
N ALA A 229 13.49 10.68 -8.99
CA ALA A 229 13.49 9.59 -8.01
C ALA A 229 13.16 8.26 -8.69
N LYS A 230 13.65 7.16 -8.11
CA LYS A 230 13.46 5.83 -8.65
C LYS A 230 12.17 5.17 -8.15
N ALA A 231 11.77 5.50 -6.92
CA ALA A 231 10.62 4.84 -6.30
C ALA A 231 10.04 5.69 -5.17
N GLY A 232 8.88 5.29 -4.65
CA GLY A 232 8.26 6.04 -3.57
C GLY A 232 6.98 5.46 -3.01
N SER A 233 6.66 5.82 -1.77
CA SER A 233 5.42 5.39 -1.13
C SER A 233 4.79 6.55 -0.38
N LEU A 234 3.47 6.50 -0.27
CA LEU A 234 2.76 7.45 0.56
C LEU A 234 1.54 6.75 1.15
N VAL A 235 1.45 6.81 2.47
CA VAL A 235 0.35 6.22 3.20
C VAL A 235 -0.35 7.33 3.97
N ILE A 236 -1.68 7.25 4.01
CA ILE A 236 -2.52 8.16 4.78
C ILE A 236 -3.40 7.32 5.69
N MET A 237 -3.45 7.65 6.97
CA MET A 237 -4.22 6.88 7.93
C MET A 237 -5.16 7.73 8.78
N ASP A 238 -6.33 7.17 9.10
CA ASP A 238 -7.26 7.81 10.03
C ASP A 238 -6.81 7.46 11.44
N VAL A 239 -6.42 8.49 12.18
CA VAL A 239 -5.88 8.36 13.52
C VAL A 239 -6.88 7.72 14.50
N LYS A 240 -8.17 8.02 14.30
CA LYS A 240 -9.20 7.63 15.25
C LYS A 240 -9.80 6.24 15.00
N THR A 241 -9.77 5.76 13.76
CA THR A 241 -10.45 4.51 13.38
C THR A 241 -9.54 3.37 12.92
N GLY A 242 -8.26 3.66 12.66
CA GLY A 242 -7.30 2.65 12.17
C GLY A 242 -7.31 2.39 10.66
N GLU A 243 -8.12 3.16 9.92
CA GLU A 243 -8.32 2.92 8.49
C GLU A 243 -7.20 3.50 7.65
N ILE A 244 -6.76 2.72 6.67
CA ILE A 244 -5.80 3.13 5.67
C ILE A 244 -6.61 3.86 4.61
N LEU A 245 -6.52 5.18 4.59
CA LEU A 245 -7.34 6.01 3.71
C LEU A 245 -6.72 6.13 2.31
N ALA A 246 -5.40 5.94 2.22
CA ALA A 246 -4.71 5.98 0.94
C ALA A 246 -3.38 5.21 1.02
N MET A 247 -3.09 4.45 -0.02
CA MET A 247 -1.84 3.70 -0.10
C MET A 247 -1.40 3.66 -1.56
N THR A 248 -0.34 4.40 -1.87
CA THR A 248 0.07 4.61 -3.26
C THR A 248 1.59 4.49 -3.37
N ASN A 249 2.03 3.92 -4.48
CA ASN A 249 3.46 3.72 -4.74
C ASN A 249 3.81 4.08 -6.17
N GLN A 250 5.10 4.30 -6.38
CA GLN A 250 5.64 4.56 -7.70
C GLN A 250 6.91 3.72 -7.80
N PRO A 251 7.10 3.00 -8.92
CA PRO A 251 6.25 2.89 -10.10
C PRO A 251 5.01 2.04 -9.85
N THR A 252 4.02 2.17 -10.71
CA THR A 252 2.81 1.35 -10.64
C THR A 252 2.49 0.84 -12.04
N TYR A 253 1.39 0.11 -12.17
CA TYR A 253 1.05 -0.60 -13.41
C TYR A 253 -0.47 -0.62 -13.58
N ASN A 254 -0.94 -0.74 -14.83
CA ASN A 254 -2.37 -0.79 -15.11
C ASN A 254 -2.83 -2.24 -15.23
N PRO A 255 -3.56 -2.75 -14.21
CA PRO A 255 -3.97 -4.16 -14.18
C PRO A 255 -4.92 -4.53 -15.33
N ASN A 256 -5.61 -3.54 -15.89
CA ASN A 256 -6.51 -3.77 -17.02
C ASN A 256 -5.81 -4.19 -18.32
N ASN A 257 -4.49 -4.06 -18.38
CA ASN A 257 -3.74 -4.50 -19.56
C ASN A 257 -2.72 -5.61 -19.24
N ARG A 258 -3.01 -6.82 -19.67
CA ARG A 258 -2.15 -8.00 -19.44
C ARG A 258 -0.74 -7.83 -20.02
N ARG A 259 -0.56 -6.91 -20.96
CA ARG A 259 0.74 -6.68 -21.59
C ARG A 259 1.69 -5.88 -20.68
N ASN A 260 1.14 -5.07 -19.77
CA ASN A 260 1.99 -4.27 -18.86
C ASN A 260 2.01 -4.75 -17.40
N LEU A 261 2.03 -6.07 -17.22
CA LEU A 261 2.28 -6.66 -15.91
C LEU A 261 3.78 -6.95 -15.78
N GLN A 262 4.57 -5.89 -15.58
CA GLN A 262 6.01 -6.01 -15.33
C GLN A 262 6.27 -6.03 -13.82
N PRO A 263 6.83 -7.14 -13.29
CA PRO A 263 6.96 -7.43 -11.86
C PRO A 263 7.47 -6.30 -10.97
N ALA A 264 8.48 -5.56 -11.43
CA ALA A 264 9.06 -4.45 -10.64
C ALA A 264 8.05 -3.35 -10.33
N ALA A 265 7.12 -3.10 -11.25
CA ALA A 265 6.08 -2.08 -11.04
C ALA A 265 4.83 -2.63 -10.34
N MET A 266 4.83 -3.90 -9.95
CA MET A 266 3.67 -4.52 -9.31
C MET A 266 3.76 -4.57 -7.77
N ARG A 267 4.87 -4.16 -7.20
CA ARG A 267 5.07 -4.29 -5.75
C ARG A 267 4.38 -3.19 -4.96
N ASN A 268 3.57 -3.59 -3.97
CA ASN A 268 2.97 -2.64 -3.04
C ASN A 268 4.03 -2.32 -2.00
N ARG A 269 4.91 -1.38 -2.36
CA ARG A 269 6.12 -1.09 -1.61
C ARG A 269 5.82 -0.66 -0.17
N ALA A 270 4.70 0.05 0.01
CA ALA A 270 4.27 0.51 1.32
C ALA A 270 4.16 -0.62 2.34
N MET A 271 3.87 -1.84 1.85
CA MET A 271 3.71 -2.99 2.73
C MET A 271 4.77 -4.07 2.57
N ILE A 272 5.38 -4.20 1.40
CA ILE A 272 6.29 -5.32 1.13
C ILE A 272 7.76 -4.94 1.09
N ASP A 273 8.07 -3.65 1.18
CA ASP A 273 9.46 -3.19 1.22
C ASP A 273 9.79 -2.57 2.57
N VAL A 274 11.03 -2.78 3.01
CA VAL A 274 11.50 -2.27 4.28
C VAL A 274 12.60 -1.24 4.06
N PHE A 275 12.82 -0.42 5.08
CA PHE A 275 13.86 0.58 5.07
C PHE A 275 14.15 1.01 6.51
N GLU A 276 15.34 1.59 6.70
CA GLU A 276 15.70 2.22 7.96
C GLU A 276 15.03 3.60 8.05
N PRO A 277 14.21 3.84 9.09
CA PRO A 277 13.38 5.05 9.18
C PRO A 277 14.19 6.32 9.38
N GLY A 278 15.40 6.16 9.91
CA GLY A 278 16.29 7.27 10.15
C GLY A 278 15.69 8.18 11.20
N SER A 279 15.82 9.48 10.94
CA SER A 279 15.49 10.48 11.95
C SER A 279 13.98 10.63 12.22
N THR A 280 13.15 9.94 11.45
CA THR A 280 11.72 9.90 11.74
C THR A 280 11.38 9.16 13.03
N VAL A 281 12.31 8.36 13.59
CA VAL A 281 12.05 7.66 14.86
C VAL A 281 12.46 8.44 16.11
N LYS A 282 13.08 9.60 15.91
CA LYS A 282 13.52 10.44 17.03
C LYS A 282 12.41 10.90 17.98
N PRO A 283 11.17 11.07 17.49
CA PRO A 283 10.07 11.36 18.43
C PRO A 283 9.74 10.20 19.38
N PHE A 284 10.04 8.97 18.97
CA PHE A 284 9.81 7.82 19.83
C PHE A 284 10.96 7.66 20.83
N SER A 285 12.17 8.02 20.40
CA SER A 285 13.30 8.15 21.31
C SER A 285 13.01 9.18 22.39
N MET A 286 12.48 10.32 21.94
CA MET A 286 12.06 11.40 22.83
C MET A 286 10.96 10.96 23.79
N SER A 287 10.01 10.14 23.31
CA SER A 287 8.95 9.61 24.18
C SER A 287 9.54 8.76 25.30
N ALA A 288 10.54 7.96 24.97
CA ALA A 288 11.23 7.19 25.99
C ALA A 288 11.90 8.11 27.02
N ALA A 289 12.60 9.14 26.53
CA ALA A 289 13.27 10.11 27.40
C ALA A 289 12.31 10.78 28.39
N LEU A 290 11.20 11.31 27.89
CA LEU A 290 10.20 11.96 28.74
C LEU A 290 9.51 10.98 29.72
N ALA A 291 9.31 9.74 29.27
CA ALA A 291 8.67 8.71 30.12
C ALA A 291 9.64 8.15 31.16
N SER A 292 10.93 8.45 30.99
CA SER A 292 11.97 7.95 31.90
C SER A 292 11.96 8.68 33.23
N GLY A 293 11.33 9.85 33.26
CA GLY A 293 11.35 10.69 34.45
C GLY A 293 12.64 11.49 34.64
N ARG A 294 13.57 11.38 33.69
CA ARG A 294 14.86 12.05 33.77
C ARG A 294 14.96 13.28 32.87
N TRP A 295 13.93 13.54 32.04
CA TRP A 295 13.98 14.65 31.09
C TRP A 295 12.65 15.37 30.96
N LYS A 296 12.71 16.68 30.74
CA LYS A 296 11.56 17.51 30.36
C LYS A 296 11.94 18.32 29.11
N PRO A 297 10.93 18.81 28.37
CA PRO A 297 11.22 19.53 27.12
C PRO A 297 12.21 20.67 27.27
N SER A 298 12.18 21.37 28.40
CA SER A 298 13.07 22.53 28.61
C SER A 298 14.52 22.17 28.99
N ASP A 299 14.80 20.89 29.26
CA ASP A 299 16.15 20.46 29.62
C ASP A 299 17.10 20.72 28.45
N ILE A 300 18.36 20.95 28.78
CA ILE A 300 19.37 21.34 27.80
C ILE A 300 20.32 20.17 27.56
N VAL A 301 20.76 20.01 26.31
CA VAL A 301 21.88 19.15 25.99
C VAL A 301 22.94 19.97 25.22
N ASP A 302 24.22 19.68 25.49
CA ASP A 302 25.33 20.35 24.82
C ASP A 302 25.81 19.49 23.66
N VAL A 303 25.70 20.01 22.44
CA VAL A 303 26.03 19.25 21.23
C VAL A 303 27.29 19.72 20.51
N TYR A 304 28.02 20.67 21.10
CA TYR A 304 29.28 21.14 20.51
C TYR A 304 30.30 20.00 20.50
N PRO A 305 31.09 19.86 19.41
CA PRO A 305 31.16 20.66 18.19
C PRO A 305 30.37 20.06 17.01
N GLY A 306 29.27 19.37 17.31
CA GLY A 306 28.41 18.77 16.29
C GLY A 306 28.87 17.41 15.81
N THR A 307 29.81 16.81 16.54
CA THR A 307 30.22 15.44 16.33
C THR A 307 30.49 14.83 17.69
N LEU A 308 30.35 13.51 17.78
CA LEU A 308 30.67 12.78 19.00
C LEU A 308 31.39 11.49 18.60
N GLN A 309 32.63 11.35 19.07
CA GLN A 309 33.43 10.18 18.72
C GLN A 309 33.20 9.03 19.71
N ILE A 310 32.70 7.91 19.19
CA ILE A 310 32.44 6.70 19.98
C ILE A 310 33.35 5.58 19.44
N GLY A 311 34.60 5.60 19.89
CA GLY A 311 35.62 4.68 19.37
C GLY A 311 35.89 4.98 17.91
N ARG A 312 35.78 3.93 17.08
CA ARG A 312 35.93 4.06 15.63
C ARG A 312 34.77 4.78 14.93
N TYR A 313 33.62 4.84 15.59
CA TYR A 313 32.42 5.43 15.01
C TYR A 313 32.30 6.89 15.46
N THR A 314 32.03 7.78 14.51
CA THR A 314 31.80 9.18 14.82
C THR A 314 30.34 9.52 14.51
N ILE A 315 29.62 9.99 15.53
CA ILE A 315 28.26 10.51 15.35
C ILE A 315 28.37 11.94 14.85
N ARG A 316 27.66 12.26 13.77
CA ARG A 316 27.75 13.60 13.18
C ARG A 316 26.40 14.22 12.93
N ASP A 317 26.30 15.52 13.24
CA ASP A 317 25.17 16.35 12.86
C ASP A 317 25.44 17.01 11.51
N VAL A 318 24.38 17.37 10.79
CA VAL A 318 24.49 18.13 9.56
C VAL A 318 24.86 19.58 9.86
N SER A 319 24.19 20.15 10.86
CA SER A 319 24.40 21.54 11.26
C SER A 319 25.26 21.54 12.52
N ARG A 320 26.45 22.14 12.42
CA ARG A 320 27.43 22.09 13.52
C ARG A 320 27.84 23.47 14.03
N ASN A 321 26.88 24.36 14.22
CA ASN A 321 27.12 25.65 14.85
C ASN A 321 26.21 25.83 16.07
N SER A 322 26.11 24.77 16.87
CA SER A 322 25.27 24.76 18.06
C SER A 322 26.02 24.25 19.28
N ARG A 323 25.69 24.79 20.45
CA ARG A 323 26.20 24.25 21.71
C ARG A 323 25.00 23.76 22.51
N GLN A 324 24.35 24.64 23.28
CA GLN A 324 23.19 24.25 24.06
C GLN A 324 21.93 24.22 23.20
N LEU A 325 21.23 23.10 23.23
CA LEU A 325 19.92 22.97 22.62
C LEU A 325 18.97 22.39 23.65
N ASP A 326 17.72 22.84 23.68
CA ASP A 326 16.72 22.15 24.48
C ASP A 326 16.18 20.98 23.67
N LEU A 327 15.28 20.20 24.25
CA LEU A 327 14.85 18.97 23.62
C LEU A 327 14.02 19.22 22.37
N THR A 328 13.20 20.27 22.39
CA THR A 328 12.44 20.68 21.21
C THR A 328 13.41 21.09 20.11
N GLY A 329 14.46 21.81 20.50
CA GLY A 329 15.51 22.22 19.58
C GLY A 329 16.27 21.06 18.94
N ILE A 330 16.51 19.99 19.71
CA ILE A 330 17.13 18.79 19.16
C ILE A 330 16.31 18.25 17.98
N LEU A 331 15.00 18.14 18.16
CA LEU A 331 14.11 17.72 17.09
C LEU A 331 14.02 18.71 15.93
N ILE A 332 13.95 20.01 16.23
CA ILE A 332 13.84 21.06 15.20
C ILE A 332 15.07 21.06 14.28
N LYS A 333 16.24 20.95 14.88
CA LYS A 333 17.49 20.91 14.10
C LYS A 333 17.89 19.49 13.71
N SER A 334 17.16 18.49 14.23
CA SER A 334 17.48 17.08 14.03
C SER A 334 18.95 16.78 14.35
N SER A 335 19.36 17.09 15.57
CA SER A 335 20.70 16.79 16.05
C SER A 335 20.81 15.32 16.39
N ASN A 336 21.70 14.62 15.71
CA ASN A 336 22.02 13.22 16.03
C ASN A 336 22.80 13.12 17.33
N VAL A 337 23.72 14.07 17.52
CA VAL A 337 24.53 14.12 18.72
C VAL A 337 23.64 14.30 19.94
N GLY A 338 22.68 15.20 19.85
CA GLY A 338 21.77 15.47 20.95
C GLY A 338 20.94 14.27 21.35
N ILE A 339 20.42 13.55 20.36
CA ILE A 339 19.56 12.40 20.64
C ILE A 339 20.39 11.24 21.18
N SER A 340 21.64 11.14 20.73
CA SER A 340 22.54 10.09 21.21
C SER A 340 22.84 10.27 22.69
N LYS A 341 23.20 11.48 23.10
CA LYS A 341 23.49 11.76 24.52
C LYS A 341 22.30 11.46 25.44
N ILE A 342 21.09 11.73 24.96
CA ILE A 342 19.87 11.41 25.73
C ILE A 342 19.70 9.90 25.85
N ALA A 343 19.96 9.20 24.74
CA ALA A 343 19.88 7.74 24.69
C ALA A 343 20.87 7.07 25.65
N PHE A 344 22.09 7.62 25.72
CA PHE A 344 23.09 7.16 26.70
C PHE A 344 22.57 7.35 28.12
N ASP A 345 21.94 8.47 28.39
CA ASP A 345 21.41 8.72 29.72
C ASP A 345 20.29 7.74 30.11
N ILE A 346 19.32 7.52 29.20
CA ILE A 346 18.12 6.73 29.54
C ILE A 346 18.28 5.23 29.25
N GLY A 347 19.17 4.90 28.33
CA GLY A 347 19.41 3.52 27.93
C GLY A 347 18.60 3.06 26.73
N ALA A 348 19.21 2.21 25.91
CA ALA A 348 18.57 1.64 24.71
C ALA A 348 17.31 0.84 24.98
N GLU A 349 17.29 0.08 26.09
CA GLU A 349 16.12 -0.76 26.42
C GLU A 349 14.82 0.04 26.45
N SER A 350 14.85 1.21 27.07
CA SER A 350 13.67 2.06 27.13
C SER A 350 13.23 2.55 25.73
N ILE A 351 14.20 2.78 24.85
CA ILE A 351 13.90 3.22 23.49
C ILE A 351 13.31 2.08 22.66
N TYR A 352 13.92 0.90 22.78
CA TYR A 352 13.47 -0.31 22.11
C TYR A 352 12.02 -0.64 22.43
N SER A 353 11.62 -0.53 23.70
CA SER A 353 10.26 -0.89 24.09
C SER A 353 9.22 0.08 23.53
N VAL A 354 9.52 1.38 23.52
CA VAL A 354 8.60 2.34 22.90
C VAL A 354 8.38 1.98 21.42
N MET A 355 9.48 1.70 20.72
CA MET A 355 9.43 1.32 19.31
C MET A 355 8.64 0.03 19.08
N GLN A 356 8.92 -0.99 19.89
CA GLN A 356 8.18 -2.23 19.85
C GLN A 356 6.69 -1.98 20.12
N GLN A 357 6.39 -1.21 21.15
CA GLN A 357 5.01 -0.97 21.56
C GLN A 357 4.23 -0.29 20.44
N VAL A 358 4.85 0.67 19.77
CA VAL A 358 4.17 1.41 18.68
C VAL A 358 4.09 0.64 17.37
N GLY A 359 4.78 -0.49 17.28
CA GLY A 359 4.62 -1.43 16.17
C GLY A 359 5.74 -1.50 15.14
N LEU A 360 6.81 -0.73 15.35
CA LEU A 360 7.94 -0.74 14.43
C LEU A 360 8.60 -2.10 14.46
N GLY A 361 8.71 -2.74 13.30
CA GLY A 361 9.34 -4.05 13.19
C GLY A 361 8.52 -5.19 13.80
N GLN A 362 7.21 -4.98 13.91
CA GLN A 362 6.29 -5.98 14.46
C GLN A 362 5.23 -6.35 13.43
N ASP A 363 4.59 -7.50 13.64
CA ASP A 363 3.52 -7.93 12.76
C ASP A 363 2.33 -7.00 12.89
N THR A 364 1.85 -6.46 11.78
CA THR A 364 0.68 -5.58 11.78
C THR A 364 -0.63 -6.36 11.93
N GLY A 365 -0.57 -7.66 11.60
CA GLY A 365 -1.75 -8.53 11.67
C GLY A 365 -2.79 -8.31 10.58
N LEU A 366 -2.47 -7.52 9.56
CA LEU A 366 -3.42 -7.22 8.49
C LEU A 366 -3.66 -8.42 7.59
N GLY A 367 -2.61 -9.16 7.30
CA GLY A 367 -2.68 -10.31 6.39
C GLY A 367 -2.70 -9.91 4.93
N PHE A 368 -2.01 -8.82 4.59
CA PHE A 368 -1.86 -8.44 3.19
C PHE A 368 -0.78 -9.34 2.61
N PRO A 369 -1.05 -9.93 1.43
CA PRO A 369 -0.10 -10.87 0.81
C PRO A 369 1.30 -10.28 0.65
N GLY A 370 2.30 -10.97 1.19
CA GLY A 370 3.70 -10.58 1.01
C GLY A 370 4.19 -9.46 1.92
N GLU A 371 3.33 -9.06 2.86
CA GLU A 371 3.65 -7.97 3.79
C GLU A 371 4.82 -8.37 4.67
N ARG A 372 5.76 -7.45 4.86
CA ARG A 372 6.93 -7.73 5.68
C ARG A 372 6.75 -7.20 7.10
N VAL A 373 7.43 -7.87 8.03
CA VAL A 373 7.41 -7.53 9.44
C VAL A 373 8.52 -6.54 9.77
N GLY A 374 9.65 -6.68 9.08
CA GLY A 374 10.85 -5.89 9.38
C GLY A 374 11.48 -6.42 10.65
N ASN A 375 12.32 -5.63 11.30
CA ASN A 375 12.84 -6.02 12.61
C ASN A 375 13.48 -4.90 13.44
N LEU A 376 13.30 -5.01 14.75
CA LEU A 376 14.08 -4.26 15.71
C LEU A 376 15.24 -5.16 16.16
N PRO A 377 16.48 -4.64 16.12
CA PRO A 377 17.62 -5.44 16.54
C PRO A 377 17.55 -5.76 18.02
N ASN A 378 18.18 -6.85 18.45
CA ASN A 378 18.27 -7.13 19.87
C ASN A 378 19.70 -7.43 20.31
N HIS A 379 19.95 -7.15 21.58
CA HIS A 379 21.26 -7.30 22.19
C HIS A 379 21.07 -7.71 23.64
N ARG A 380 22.04 -8.46 24.16
CA ARG A 380 22.08 -8.78 25.58
C ARG A 380 22.50 -7.50 26.31
N LYS A 381 23.66 -6.98 25.92
CA LYS A 381 24.17 -5.70 26.39
C LYS A 381 24.28 -4.79 25.18
N TRP A 382 23.71 -3.58 25.30
CA TRP A 382 23.77 -2.59 24.22
C TRP A 382 25.01 -1.70 24.33
N PRO A 383 25.96 -1.83 23.39
CA PRO A 383 27.09 -0.90 23.37
C PRO A 383 26.67 0.51 22.94
N LYS A 384 27.52 1.50 23.19
CA LYS A 384 27.17 2.89 22.92
C LYS A 384 26.82 3.15 21.45
N ALA A 385 27.62 2.63 20.53
CA ALA A 385 27.38 2.88 19.10
C ALA A 385 26.02 2.36 18.65
N GLU A 386 25.65 1.17 19.11
CA GLU A 386 24.36 0.56 18.76
C GLU A 386 23.21 1.34 19.39
N THR A 387 23.43 1.85 20.59
CA THR A 387 22.43 2.64 21.32
C THR A 387 22.12 3.92 20.55
N ALA A 388 23.16 4.62 20.10
CA ALA A 388 23.00 5.86 19.37
C ALA A 388 22.31 5.68 18.03
N THR A 389 22.80 4.73 17.23
CA THR A 389 22.21 4.49 15.92
C THR A 389 20.73 4.09 16.01
N LEU A 390 20.35 3.30 17.01
CA LEU A 390 18.92 3.00 17.25
C LEU A 390 18.16 4.31 17.43
N ALA A 391 18.62 5.12 18.37
CA ALA A 391 17.98 6.38 18.75
C ALA A 391 17.70 7.33 17.59
N TYR A 392 18.55 7.31 16.56
CA TYR A 392 18.27 8.08 15.32
C TYR A 392 17.99 7.24 14.07
N GLY A 393 17.46 6.03 14.28
CA GLY A 393 16.77 5.29 13.22
C GLY A 393 17.56 4.43 12.26
N TYR A 394 18.72 3.94 12.69
CA TYR A 394 19.48 2.94 11.93
C TYR A 394 19.57 1.65 12.72
N GLY A 395 19.79 0.54 12.01
CA GLY A 395 19.87 -0.77 12.62
C GLY A 395 18.52 -1.49 12.68
N LEU A 396 17.43 -0.76 12.48
CA LEU A 396 16.09 -1.33 12.42
C LEU A 396 15.53 -1.13 11.01
N SER A 397 14.57 -1.98 10.65
CA SER A 397 13.94 -1.95 9.33
C SER A 397 12.42 -1.97 9.52
N VAL A 398 11.74 -0.98 8.94
CA VAL A 398 10.29 -0.84 9.06
C VAL A 398 9.60 -0.72 7.69
N THR A 399 8.28 -0.92 7.66
CA THR A 399 7.49 -0.62 6.47
C THR A 399 6.88 0.78 6.56
N ALA A 400 6.45 1.32 5.43
CA ALA A 400 5.80 2.62 5.41
C ALA A 400 4.48 2.60 6.19
N ILE A 401 3.81 1.44 6.21
CA ILE A 401 2.55 1.31 6.92
C ILE A 401 2.79 1.26 8.43
N GLN A 402 3.89 0.65 8.85
CA GLN A 402 4.25 0.64 10.27
C GLN A 402 4.59 2.05 10.76
N LEU A 403 5.40 2.77 9.98
CA LEU A 403 5.76 4.14 10.34
C LEU A 403 4.50 5.01 10.48
N ALA A 404 3.56 4.89 9.55
CA ALA A 404 2.32 5.65 9.61
C ALA A 404 1.47 5.23 10.81
N HIS A 405 1.46 3.94 11.12
CA HIS A 405 0.72 3.43 12.28
C HIS A 405 1.28 3.99 13.59
N ALA A 406 2.61 4.05 13.67
CA ALA A 406 3.27 4.61 14.85
C ALA A 406 2.94 6.10 15.05
N TYR A 407 3.00 6.89 13.98
CA TYR A 407 2.64 8.32 14.08
C TYR A 407 1.15 8.53 14.39
N ALA A 408 0.31 7.63 13.90
CA ALA A 408 -1.12 7.68 14.20
C ALA A 408 -1.40 7.48 15.68
N ALA A 409 -0.70 6.53 16.30
CA ALA A 409 -0.86 6.28 17.76
C ALA A 409 -0.38 7.48 18.58
N LEU A 410 0.73 8.08 18.16
CA LEU A 410 1.23 9.31 18.77
C LEU A 410 0.20 10.45 18.66
N ALA A 411 -0.39 10.63 17.48
CA ALA A 411 -1.37 11.70 17.27
C ALA A 411 -2.68 11.42 18.01
N ASN A 412 -3.00 10.14 18.21
CA ASN A 412 -4.21 9.72 18.92
C ASN A 412 -3.93 9.61 20.43
N ASP A 413 -3.17 10.58 20.95
CA ASP A 413 -2.80 10.66 22.37
C ASP A 413 -2.16 9.40 22.95
N GLY A 414 -1.35 8.71 22.15
CA GLY A 414 -0.63 7.51 22.59
C GLY A 414 -1.42 6.21 22.54
N LYS A 415 -2.61 6.26 21.94
CA LYS A 415 -3.47 5.07 21.84
C LYS A 415 -3.46 4.51 20.42
N SER A 416 -3.00 3.26 20.28
CA SER A 416 -2.90 2.59 18.99
C SER A 416 -4.17 1.81 18.64
N VAL A 417 -4.91 2.29 17.64
CA VAL A 417 -6.07 1.59 17.10
C VAL A 417 -5.61 0.56 16.07
N PRO A 418 -6.16 -0.68 16.12
CA PRO A 418 -5.77 -1.68 15.14
C PRO A 418 -5.98 -1.22 13.69
N LEU A 419 -5.02 -1.56 12.82
CA LEU A 419 -5.07 -1.20 11.41
C LEU A 419 -6.21 -1.92 10.69
N SER A 420 -6.79 -1.26 9.70
CA SER A 420 -7.79 -1.89 8.83
C SER A 420 -7.61 -1.49 7.36
N MET A 421 -7.87 -2.44 6.46
CA MET A 421 -7.92 -2.20 5.01
C MET A 421 -9.36 -2.18 4.51
N THR A 422 -10.29 -2.57 5.37
CA THR A 422 -11.70 -2.57 5.02
C THR A 422 -12.40 -1.46 5.80
N ARG A 423 -13.51 -0.97 5.26
CA ARG A 423 -14.25 0.10 5.93
C ARG A 423 -14.63 -0.31 7.35
N VAL A 424 -14.35 0.57 8.31
CA VAL A 424 -14.62 0.33 9.72
C VAL A 424 -15.86 1.10 10.16
N ASP A 425 -16.91 0.37 10.55
CA ASP A 425 -18.17 0.97 11.00
C ASP A 425 -18.26 1.00 12.53
N ARG A 426 -17.86 -0.09 13.17
CA ARG A 426 -17.69 -0.15 14.62
C ARG A 426 -16.21 -0.26 14.93
N VAL A 427 -15.65 0.78 15.54
CA VAL A 427 -14.19 0.82 15.81
C VAL A 427 -13.82 -0.13 16.95
N PRO A 428 -12.80 -0.98 16.73
CA PRO A 428 -12.31 -1.85 17.81
C PRO A 428 -11.57 -1.07 18.88
N ASP A 429 -11.46 -1.65 20.07
CA ASP A 429 -10.77 -1.00 21.18
C ASP A 429 -9.27 -0.88 20.86
N GLY A 430 -8.71 0.29 21.13
CA GLY A 430 -7.28 0.55 20.89
C GLY A 430 -6.45 0.23 22.11
N VAL A 431 -5.15 0.17 21.94
CA VAL A 431 -4.26 -0.14 23.06
C VAL A 431 -3.38 1.07 23.37
N GLN A 432 -3.31 1.43 24.66
CA GLN A 432 -2.48 2.54 25.12
C GLN A 432 -1.01 2.13 25.09
N VAL A 433 -0.24 2.85 24.31
CA VAL A 433 1.10 2.44 23.92
C VAL A 433 2.16 3.46 24.33
N ILE A 434 1.73 4.71 24.45
CA ILE A 434 2.51 5.80 25.01
C ILE A 434 1.57 6.52 25.96
N SER A 435 2.07 7.00 27.09
CA SER A 435 1.20 7.71 28.04
C SER A 435 0.60 8.93 27.35
N PRO A 436 -0.70 9.20 27.63
CA PRO A 436 -1.39 10.36 27.06
C PRO A 436 -0.63 11.66 27.25
N GLU A 437 -0.09 11.85 28.45
CA GLU A 437 0.64 13.06 28.80
C GLU A 437 1.92 13.21 27.98
N VAL A 438 2.68 12.14 27.85
CA VAL A 438 3.92 12.15 27.07
C VAL A 438 3.63 12.37 25.58
N ALA A 439 2.60 11.69 25.09
CA ALA A 439 2.24 11.77 23.68
C ALA A 439 1.83 13.20 23.32
N SER A 440 1.11 13.85 24.23
CA SER A 440 0.70 15.23 24.06
C SER A 440 1.89 16.19 23.99
N THR A 441 2.87 15.98 24.86
CA THR A 441 4.07 16.80 24.88
C THR A 441 4.85 16.61 23.58
N VAL A 442 5.02 15.37 23.17
CA VAL A 442 5.75 15.08 21.93
C VAL A 442 5.03 15.65 20.70
N GLN A 443 3.69 15.57 20.69
CA GLN A 443 2.88 16.22 19.66
C GLN A 443 3.19 17.71 19.53
N GLY A 444 3.22 18.39 20.68
CA GLY A 444 3.52 19.83 20.73
C GLY A 444 4.91 20.13 20.21
N MET A 445 5.89 19.33 20.60
CA MET A 445 7.24 19.48 20.12
C MET A 445 7.24 19.34 18.59
N LEU A 446 6.46 18.39 18.08
CA LEU A 446 6.45 18.13 16.65
C LEU A 446 5.79 19.27 15.87
N GLN A 447 4.78 19.89 16.46
CA GLN A 447 4.18 21.08 15.86
C GLN A 447 5.22 22.18 15.74
N GLN A 448 6.07 22.31 16.74
CA GLN A 448 7.17 23.26 16.69
C GLN A 448 8.18 22.96 15.59
N VAL A 449 8.50 21.69 15.33
CA VAL A 449 9.44 21.39 14.24
C VAL A 449 8.89 21.86 12.88
N VAL A 450 7.59 21.77 12.71
CA VAL A 450 6.94 22.28 11.49
C VAL A 450 6.80 23.81 11.49
N GLU A 451 6.54 24.41 12.65
CA GLU A 451 6.13 25.83 12.72
C GLU A 451 7.20 26.83 13.20
N ALA A 452 8.15 26.39 14.02
CA ALA A 452 9.20 27.27 14.53
C ALA A 452 10.24 27.60 13.46
N GLN A 453 11.04 28.63 13.74
CA GLN A 453 12.09 29.07 12.83
C GLN A 453 13.24 28.07 12.86
N GLY A 454 13.81 27.81 11.69
CA GLY A 454 14.82 26.77 11.53
C GLY A 454 14.21 25.39 11.34
N GLY A 455 12.88 25.33 11.21
CA GLY A 455 12.15 24.08 11.10
C GLY A 455 11.73 23.73 9.67
N VAL A 456 10.97 22.66 9.55
CA VAL A 456 10.52 22.15 8.25
C VAL A 456 9.30 22.94 7.76
N PHE A 457 9.53 24.22 7.44
CA PHE A 457 8.45 25.13 7.03
C PHE A 457 7.70 24.69 5.76
N ARG A 458 8.34 23.86 4.94
CA ARG A 458 7.70 23.35 3.74
C ARG A 458 6.69 22.22 4.05
N ALA A 459 6.57 21.82 5.31
CA ALA A 459 5.53 20.86 5.73
C ALA A 459 4.26 21.59 6.18
N GLN A 460 4.35 22.90 6.35
CA GLN A 460 3.21 23.69 6.81
C GLN A 460 2.00 23.52 5.88
N VAL A 461 0.82 23.43 6.50
CA VAL A 461 -0.41 23.18 5.78
C VAL A 461 -1.24 24.46 5.89
N PRO A 462 -1.51 25.12 4.74
CA PRO A 462 -2.24 26.38 4.81
C PRO A 462 -3.61 26.19 5.45
N GLY A 463 -3.92 27.03 6.43
CA GLY A 463 -5.20 26.97 7.13
C GLY A 463 -5.23 26.07 8.35
N TYR A 464 -4.20 25.23 8.50
CA TYR A 464 -4.15 24.27 9.61
C TYR A 464 -2.82 24.29 10.38
N HIS A 465 -2.88 23.78 11.61
CA HIS A 465 -1.67 23.47 12.37
C HIS A 465 -1.28 22.02 12.08
N ALA A 466 0.00 21.81 11.76
CA ALA A 466 0.49 20.48 11.43
C ALA A 466 1.76 20.16 12.20
N ALA A 467 2.00 18.87 12.41
CA ALA A 467 3.14 18.39 13.18
C ALA A 467 3.80 17.28 12.42
N GLY A 468 5.10 17.11 12.60
CA GLY A 468 5.82 16.00 11.98
C GLY A 468 7.32 16.04 12.16
N LYS A 469 8.00 15.14 11.45
CA LYS A 469 9.44 15.02 11.53
C LYS A 469 10.02 14.60 10.18
N SER A 470 11.11 15.24 9.77
CA SER A 470 11.78 14.91 8.53
C SER A 470 12.85 13.85 8.77
N GLY A 471 13.33 13.27 7.68
CA GLY A 471 14.41 12.28 7.74
C GLY A 471 15.13 12.15 6.41
N THR A 472 16.39 11.74 6.49
CA THR A 472 17.18 11.41 5.30
C THR A 472 18.10 10.25 5.70
N ALA A 473 17.83 9.07 5.14
CA ALA A 473 18.59 7.87 5.48
C ALA A 473 19.46 7.41 4.32
N ARG A 474 20.66 6.92 4.62
CA ARG A 474 21.55 6.37 3.59
C ARG A 474 21.04 5.00 3.16
N LYS A 475 21.63 4.46 2.10
CA LYS A 475 21.32 3.10 1.64
C LYS A 475 22.59 2.30 1.40
N ASN A 486 26.48 7.02 -2.89
CA ASN A 486 25.79 8.08 -2.17
C ASN A 486 24.29 8.13 -2.52
N ALA A 487 23.57 7.12 -2.02
CA ALA A 487 22.14 6.98 -2.28
C ALA A 487 21.34 7.28 -1.00
N TYR A 488 20.20 7.94 -1.16
CA TYR A 488 19.39 8.38 -0.03
C TYR A 488 17.92 8.00 -0.15
N ARG A 489 17.22 8.03 0.99
CA ARG A 489 15.76 8.03 1.03
C ARG A 489 15.32 9.33 1.70
N SER A 490 14.51 10.11 1.00
CA SER A 490 13.94 11.32 1.55
C SER A 490 12.62 10.98 2.26
N LEU A 491 12.45 11.49 3.48
CA LEU A 491 11.28 11.12 4.31
C LEU A 491 10.60 12.29 4.98
N PHE A 492 9.28 12.24 5.07
CA PHE A 492 8.56 13.06 6.03
C PHE A 492 7.40 12.27 6.63
N ALA A 493 7.24 12.38 7.95
CA ALA A 493 6.15 11.72 8.68
C ALA A 493 5.48 12.73 9.58
N GLY A 494 4.16 12.67 9.68
CA GLY A 494 3.45 13.64 10.50
C GLY A 494 1.95 13.43 10.61
N PHE A 495 1.26 14.45 11.10
CA PHE A 495 -0.19 14.38 11.32
C PHE A 495 -0.81 15.77 11.44
N ALA A 496 -2.13 15.85 11.36
CA ALA A 496 -2.85 17.12 11.41
C ALA A 496 -4.37 16.90 11.52
N PRO A 497 -5.13 17.91 11.98
CA PRO A 497 -4.69 19.18 12.54
C PRO A 497 -4.18 19.00 13.97
N ALA A 498 -3.17 19.79 14.34
CA ALA A 498 -2.51 19.66 15.65
C ALA A 498 -3.43 19.83 16.85
N THR A 499 -4.51 20.58 16.71
CA THR A 499 -5.37 20.85 17.87
C THR A 499 -6.34 19.69 18.15
N ASP A 500 -6.66 18.90 17.13
CA ASP A 500 -7.39 17.63 17.30
C ASP A 500 -7.13 16.72 16.10
N PRO A 501 -6.06 15.91 16.16
CA PRO A 501 -5.57 15.19 14.98
C PRO A 501 -6.57 14.22 14.35
N ARG A 502 -6.53 14.15 13.03
CA ARG A 502 -7.46 13.35 12.26
C ARG A 502 -6.71 12.39 11.35
N ILE A 503 -5.60 12.86 10.78
CA ILE A 503 -4.91 12.14 9.73
C ILE A 503 -3.42 12.08 10.00
N ALA A 504 -2.84 10.87 9.89
CA ALA A 504 -1.38 10.69 9.89
C ALA A 504 -0.90 10.29 8.50
N MET A 505 0.30 10.71 8.12
CA MET A 505 0.80 10.54 6.77
C MET A 505 2.31 10.29 6.76
N VAL A 506 2.76 9.39 5.89
CA VAL A 506 4.19 9.17 5.67
C VAL A 506 4.47 9.30 4.18
N VAL A 507 5.52 10.04 3.82
CA VAL A 507 5.96 10.16 2.43
C VAL A 507 7.41 9.67 2.34
N VAL A 508 7.65 8.64 1.54
CA VAL A 508 8.99 8.05 1.38
C VAL A 508 9.42 8.08 -0.10
N ILE A 509 10.49 8.82 -0.40
CA ILE A 509 10.97 8.97 -1.77
C ILE A 509 12.40 8.43 -1.92
N ASP A 510 12.55 7.48 -2.84
CA ASP A 510 13.82 6.76 -3.03
C ASP A 510 14.74 7.41 -4.05
N GLU A 511 15.96 7.72 -3.61
CA GLU A 511 17.03 8.21 -4.47
C GLU A 511 16.65 9.42 -5.33
N PRO A 512 16.33 10.55 -4.69
CA PRO A 512 16.16 11.76 -5.50
C PRO A 512 17.50 12.12 -6.14
N SER A 513 17.47 12.73 -7.32
CA SER A 513 18.69 12.97 -8.08
C SER A 513 18.91 14.42 -8.51
N LYS A 514 18.17 15.35 -7.90
CA LYS A 514 18.26 16.77 -8.28
C LYS A 514 18.64 17.68 -7.10
N ALA A 515 19.93 17.95 -6.97
CA ALA A 515 20.47 18.94 -6.02
C ALA A 515 20.04 18.74 -4.56
N GLY A 516 18.87 19.24 -4.19
CA GLY A 516 18.33 19.08 -2.84
C GLY A 516 17.70 17.71 -2.70
N TYR A 517 18.00 17.02 -1.60
CA TYR A 517 17.52 15.65 -1.37
C TYR A 517 17.09 15.35 0.07
N PHE A 518 17.21 16.34 0.97
CA PHE A 518 16.76 16.19 2.34
C PHE A 518 15.26 15.91 2.37
N GLY A 519 14.81 15.15 3.37
CA GLY A 519 13.38 14.94 3.61
C GLY A 519 12.57 16.24 3.66
N GLY A 520 13.15 17.27 4.26
CA GLY A 520 12.47 18.56 4.40
C GLY A 520 12.29 19.32 3.10
N LEU A 521 13.13 19.02 2.12
CA LEU A 521 13.04 19.65 0.79
C LEU A 521 12.20 18.82 -0.17
N VAL A 522 12.41 17.50 -0.14
CA VAL A 522 11.82 16.63 -1.14
C VAL A 522 10.45 16.10 -0.69
N SER A 523 10.39 15.55 0.51
CA SER A 523 9.16 14.89 0.99
C SER A 523 8.16 15.80 1.70
N ALA A 524 8.65 16.80 2.42
CA ALA A 524 7.80 17.73 3.18
C ALA A 524 6.74 18.42 2.32
N PRO A 525 7.13 18.97 1.16
CA PRO A 525 6.15 19.67 0.31
C PRO A 525 5.02 18.75 -0.18
N VAL A 526 5.29 17.46 -0.26
CA VAL A 526 4.27 16.49 -0.65
C VAL A 526 3.27 16.31 0.49
N PHE A 527 3.78 16.20 1.72
CA PHE A 527 2.95 16.15 2.93
C PHE A 527 2.06 17.39 3.00
N SER A 528 2.61 18.55 2.63
CA SER A 528 1.86 19.81 2.70
C SER A 528 0.66 19.80 1.77
N LYS A 529 0.90 19.50 0.49
CA LYS A 529 -0.15 19.49 -0.53
C LYS A 529 -1.18 18.38 -0.31
N VAL A 530 -0.72 17.16 -0.02
CA VAL A 530 -1.65 16.05 0.16
C VAL A 530 -2.48 16.23 1.42
N MET A 531 -1.83 16.66 2.51
CA MET A 531 -2.56 16.92 3.76
C MET A 531 -3.57 18.07 3.58
N ALA A 532 -3.17 19.13 2.88
CA ALA A 532 -4.07 20.25 2.60
C ALA A 532 -5.35 19.75 1.92
N GLY A 533 -5.18 18.98 0.85
CA GLY A 533 -6.31 18.44 0.10
C GLY A 533 -7.14 17.43 0.86
N ALA A 534 -6.48 16.49 1.54
CA ALA A 534 -7.17 15.46 2.31
C ALA A 534 -8.07 16.07 3.38
N LEU A 535 -7.52 17.00 4.16
CA LEU A 535 -8.24 17.69 5.22
C LEU A 535 -9.54 18.31 4.71
N ARG A 536 -9.46 19.09 3.66
CA ARG A 536 -10.65 19.79 3.15
C ARG A 536 -11.62 18.80 2.47
N LEU A 537 -11.07 17.77 1.81
CA LEU A 537 -11.90 16.70 1.24
C LEU A 537 -12.65 15.90 2.30
N MET A 538 -12.12 15.87 3.53
CA MET A 538 -12.81 15.24 4.64
C MET A 538 -13.61 16.23 5.48
N ASN A 539 -13.71 17.48 5.01
CA ASN A 539 -14.42 18.56 5.71
C ASN A 539 -13.99 18.78 7.16
N VAL A 540 -12.67 18.79 7.37
CA VAL A 540 -12.10 19.04 8.69
C VAL A 540 -11.98 20.54 8.90
N PRO A 541 -12.54 21.07 10.01
CA PRO A 541 -12.47 22.50 10.29
C PRO A 541 -11.04 23.03 10.39
N PRO A 542 -10.74 24.14 9.69
CA PRO A 542 -9.43 24.76 9.78
C PRO A 542 -9.16 25.33 11.17
N ASP A 543 -7.97 25.04 11.72
CA ASP A 543 -7.65 25.42 13.08
C ASP A 543 -6.56 26.49 13.16
N ASN A 544 -6.12 26.98 12.00
CA ASN A 544 -5.12 28.05 11.93
C ASN A 544 -5.49 29.11 10.90
N LEU A 545 -6.72 29.61 10.96
CA LEU A 545 -7.11 30.78 10.17
C LEU A 545 -6.75 32.04 10.96
N PRO A 546 -6.37 33.12 10.25
CA PRO A 546 -5.99 34.37 10.93
C PRO A 546 -7.20 35.10 11.54
#